data_7PBB
#
_entry.id   7PBB
#
_cell.length_a   67.243
_cell.length_b   131.799
_cell.length_c   66.316
_cell.angle_alpha   90.000
_cell.angle_beta   90.000
_cell.angle_gamma   90.000
#
_symmetry.space_group_name_H-M   'P 21 21 2'
#
loop_
_entity.id
_entity.type
_entity.pdbx_description
1 polymer "5'-nucleotidase"
2 non-polymer 'ZINC ION'
3 non-polymer 'CALCIUM ION'
4 non-polymer 'DIMETHYL SULFOXIDE'
5 non-polymer GLYCEROL
6 non-polymer CAFFEINE
7 water water
#
_entity_poly.entity_id   1
_entity_poly.type   'polypeptide(L)'
_entity_poly.pdbx_seq_one_letter_code
;MAHHHHHHVGTGSNDDDDKSPDPWELTILHTNDVHSRLEQTSEDSSKCVDASRCMGGVARLFTKVQQIRRAEPNVLLLDA
GDQYQGTIWFTVYKGAEVAHFMNALRYDAMALGNHEFDNGVEGLIEPLLKEAKFPILSANISASGPLASQISGLYLPYKV
LPVGDEVVGIVGYTSKETPFLSNPGTNLVFEDEITALQPEVDKLKTLNVNKIIALGHSGFEMDKLIAQKVRGVDVVVGGH
SNTFLYTGNPPSKEVPAGKYPFIVTSDDGRKVPVVQAYAFGKYLGYLKIEFDERGNVISSHGNPILLDSSIPEDPSIKAD
INKWRIKLDDYSTQELGKTIVYLDGSSQSCRFRECNMGNLICDAMINNNLRHADEMFWNHVSMCILNGGGIRSPIDERND
GTITWENLAAVLPFGGTFDLVQLKGSTLKKAFEHSVHRYGQSTGEFLQVGGIHVVYDLSRKPGDRVVKLDVLCTSCRVPS
YDPLKMDEVYKVILPNFLANGGDGFQMIKDELLRHDSGDQDINVVSTYISKMKVIYPAVEGRIKFS
;
_entity_poly.pdbx_strand_id   A
#
# COMPACT_ATOMS: atom_id res chain seq x y z
N PRO A 23 -23.13 26.04 16.93
CA PRO A 23 -22.15 25.30 16.08
C PRO A 23 -22.65 23.88 15.77
N TRP A 24 -22.45 23.42 14.53
CA TRP A 24 -22.88 22.09 14.07
C TRP A 24 -21.66 21.15 14.13
N GLU A 25 -21.74 20.05 14.88
CA GLU A 25 -20.52 19.27 15.17
C GLU A 25 -20.54 18.01 14.30
N LEU A 26 -19.48 17.76 13.54
CA LEU A 26 -19.38 16.52 12.72
C LEU A 26 -18.27 15.63 13.30
N THR A 27 -18.54 14.34 13.37
CA THR A 27 -17.57 13.30 13.76
C THR A 27 -17.14 12.59 12.48
N ILE A 28 -15.89 12.73 12.05
CA ILE A 28 -15.34 11.98 10.89
C ILE A 28 -14.55 10.78 11.44
N LEU A 29 -15.02 9.60 11.11
CA LEU A 29 -14.33 8.36 11.40
C LEU A 29 -13.68 7.96 10.07
N HIS A 30 -12.42 7.55 10.08
CA HIS A 30 -11.74 7.31 8.78
C HIS A 30 -10.66 6.22 8.88
N THR A 31 -10.57 5.44 7.83
CA THR A 31 -9.55 4.43 7.62
C THR A 31 -8.87 4.72 6.27
N ASN A 32 -7.66 4.18 6.12
CA ASN A 32 -6.89 4.29 4.87
C ASN A 32 -5.88 3.15 4.82
N ASP A 33 -5.57 2.66 3.61
CA ASP A 33 -4.51 1.66 3.45
C ASP A 33 -4.75 0.46 4.34
N VAL A 34 -6.00 0.03 4.44
CA VAL A 34 -6.36 -1.17 5.24
C VAL A 34 -5.69 -2.38 4.60
N HIS A 35 -5.57 -2.42 3.26
CA HIS A 35 -4.69 -3.44 2.63
C HIS A 35 -5.01 -4.87 3.10
N SER A 36 -6.31 -5.21 3.01
CA SER A 36 -6.75 -6.62 3.08
CA SER A 36 -6.79 -6.61 3.10
C SER A 36 -6.57 -7.18 4.50
N ARG A 37 -6.47 -6.33 5.51
CA ARG A 37 -6.37 -6.77 6.91
C ARG A 37 -7.79 -6.98 7.45
N LEU A 38 -8.49 -7.95 6.88
CA LEU A 38 -9.88 -8.27 7.28
C LEU A 38 -9.84 -8.92 8.68
N GLU A 39 -8.86 -9.79 8.94
CA GLU A 39 -8.70 -10.41 10.24
C GLU A 39 -7.86 -9.51 11.13
N GLN A 40 -8.02 -9.68 12.43
CA GLN A 40 -7.13 -9.04 13.42
C GLN A 40 -5.67 -9.48 13.14
N THR A 41 -4.73 -8.61 13.44
CA THR A 41 -3.30 -8.77 13.09
C THR A 41 -2.47 -8.79 14.37
N SER A 42 -1.20 -9.16 14.25
CA SER A 42 -0.22 -8.86 15.29
C SER A 42 -0.05 -7.34 15.45
N GLU A 43 0.74 -6.96 16.43
CA GLU A 43 1.15 -5.55 16.65
C GLU A 43 1.80 -4.90 15.43
N ASP A 44 2.57 -5.67 14.65
CA ASP A 44 3.24 -5.14 13.46
C ASP A 44 2.45 -5.45 12.20
N SER A 45 1.16 -5.81 12.32
CA SER A 45 0.19 -5.94 11.22
C SER A 45 0.50 -7.15 10.34
N SER A 46 1.17 -8.14 10.90
CA SER A 46 1.34 -9.44 10.26
C SER A 46 0.31 -10.41 10.87
N LYS A 47 0.49 -11.71 10.66
CA LYS A 47 -0.49 -12.69 11.14
C LYS A 47 -0.64 -12.61 12.65
N CYS A 48 -1.88 -12.69 13.14
CA CYS A 48 -2.18 -12.72 14.57
C CYS A 48 -1.76 -14.10 15.13
N VAL A 49 -0.87 -14.11 16.09
CA VAL A 49 -0.46 -15.37 16.74
C VAL A 49 -0.92 -15.37 18.20
N ASP A 50 -0.66 -14.34 18.96
CA ASP A 50 -1.16 -14.29 20.36
C ASP A 50 -2.39 -13.39 20.41
N ALA A 51 -3.58 -13.96 20.30
CA ALA A 51 -4.84 -13.20 20.18
C ALA A 51 -4.97 -12.09 21.26
N SER A 52 -4.48 -12.28 22.49
CA SER A 52 -4.65 -11.28 23.59
C SER A 52 -3.84 -10.02 23.31
N ARG A 53 -2.97 -10.04 22.30
CA ARG A 53 -2.13 -8.89 21.89
C ARG A 53 -2.49 -8.54 20.43
N CYS A 54 -3.55 -9.14 19.88
CA CYS A 54 -3.85 -8.82 18.46
C CYS A 54 -4.64 -7.51 18.35
N MET A 55 -4.73 -7.00 17.15
CA MET A 55 -5.21 -5.64 16.90
C MET A 55 -5.97 -5.55 15.60
N GLY A 56 -6.82 -4.54 15.48
CA GLY A 56 -7.51 -4.31 14.18
C GLY A 56 -8.44 -5.43 13.77
N GLY A 57 -8.56 -5.58 12.46
CA GLY A 57 -9.59 -6.40 11.81
C GLY A 57 -10.96 -5.75 11.80
N VAL A 58 -11.78 -6.21 10.86
CA VAL A 58 -13.09 -5.53 10.65
CA VAL A 58 -13.09 -5.57 10.64
C VAL A 58 -14.05 -5.85 11.80
N ALA A 59 -13.95 -7.01 12.47
CA ALA A 59 -14.87 -7.31 13.59
C ALA A 59 -14.68 -6.36 14.76
N ARG A 60 -13.43 -6.01 15.06
CA ARG A 60 -13.17 -5.00 16.10
C ARG A 60 -13.51 -3.61 15.64
N LEU A 61 -13.19 -3.25 14.40
CA LEU A 61 -13.57 -1.94 13.86
C LEU A 61 -15.11 -1.82 13.97
N PHE A 62 -15.88 -2.86 13.61
CA PHE A 62 -17.35 -2.80 13.72
C PHE A 62 -17.76 -2.43 15.14
N THR A 63 -17.15 -3.04 16.18
CA THR A 63 -17.53 -2.75 17.56
C THR A 63 -17.37 -1.26 17.81
N LYS A 64 -16.20 -0.72 17.45
CA LYS A 64 -15.86 0.65 17.84
C LYS A 64 -16.73 1.63 17.04
N VAL A 65 -16.93 1.46 15.74
CA VAL A 65 -17.77 2.35 14.97
C VAL A 65 -19.20 2.33 15.51
N GLN A 66 -19.71 1.15 15.86
CA GLN A 66 -21.09 1.01 16.38
C GLN A 66 -21.19 1.79 17.68
N GLN A 67 -20.16 1.69 18.52
CA GLN A 67 -20.17 2.41 19.83
C GLN A 67 -20.29 3.90 19.57
N ILE A 68 -19.46 4.43 18.67
CA ILE A 68 -19.41 5.89 18.43
C ILE A 68 -20.71 6.36 17.82
N ARG A 69 -21.30 5.61 16.91
CA ARG A 69 -22.58 5.95 16.29
C ARG A 69 -23.72 5.93 17.32
N ARG A 70 -23.57 5.20 18.43
N ARG A 70 -23.59 5.19 18.42
CA ARG A 70 -24.60 5.23 19.51
CA ARG A 70 -24.63 5.28 19.49
C ARG A 70 -24.54 6.55 20.28
C ARG A 70 -24.58 6.67 20.12
N ALA A 71 -23.38 7.18 20.38
CA ALA A 71 -23.11 8.35 21.24
C ALA A 71 -23.12 9.67 20.45
N GLU A 72 -22.74 9.73 19.17
CA GLU A 72 -22.50 11.01 18.48
C GLU A 72 -23.54 11.17 17.41
N PRO A 73 -24.20 12.34 17.30
CA PRO A 73 -25.30 12.49 16.34
C PRO A 73 -24.92 12.49 14.86
N ASN A 74 -23.81 13.13 14.52
CA ASN A 74 -23.50 13.46 13.10
C ASN A 74 -22.18 12.74 12.81
N VAL A 75 -22.25 11.58 12.19
CA VAL A 75 -21.04 10.72 12.00
C VAL A 75 -20.93 10.37 10.51
N LEU A 76 -19.74 10.49 9.93
CA LEU A 76 -19.42 9.92 8.62
C LEU A 76 -18.30 8.92 8.83
N LEU A 77 -18.41 7.78 8.19
CA LEU A 77 -17.34 6.76 8.18
C LEU A 77 -16.76 6.75 6.75
N LEU A 78 -15.50 7.15 6.61
CA LEU A 78 -14.87 7.38 5.30
C LEU A 78 -13.66 6.47 5.14
N ASP A 79 -13.40 6.01 3.93
CA ASP A 79 -12.15 5.26 3.66
C ASP A 79 -11.40 5.97 2.57
N ALA A 80 -10.13 6.26 2.75
CA ALA A 80 -9.31 6.98 1.75
C ALA A 80 -8.52 6.08 0.78
N GLY A 81 -8.98 4.87 0.57
CA GLY A 81 -8.50 3.98 -0.49
C GLY A 81 -7.47 2.97 -0.09
N ASP A 82 -7.17 2.03 -0.96
CA ASP A 82 -6.21 0.96 -0.69
C ASP A 82 -6.81 0.03 0.37
N GLN A 83 -8.04 -0.43 0.13
CA GLN A 83 -8.56 -1.66 0.74
C GLN A 83 -7.96 -2.85 0.00
N TYR A 84 -7.88 -2.73 -1.30
CA TYR A 84 -7.32 -3.82 -2.13
C TYR A 84 -5.86 -4.03 -1.75
N GLN A 85 -5.44 -5.31 -1.92
CA GLN A 85 -4.05 -5.79 -1.87
C GLN A 85 -3.55 -5.93 -0.44
N GLY A 86 -3.01 -7.09 -0.08
CA GLY A 86 -2.18 -7.16 1.17
C GLY A 86 -2.14 -8.53 1.84
N THR A 87 -3.17 -9.35 1.64
CA THR A 87 -3.23 -10.70 2.24
C THR A 87 -3.97 -11.64 1.28
N ILE A 88 -3.92 -12.92 1.65
CA ILE A 88 -4.62 -13.97 0.91
C ILE A 88 -6.11 -13.65 0.71
N TRP A 89 -6.71 -12.85 1.59
CA TRP A 89 -8.12 -12.47 1.35
C TRP A 89 -8.29 -11.86 -0.02
N PHE A 90 -7.38 -10.96 -0.40
CA PHE A 90 -7.52 -10.28 -1.71
C PHE A 90 -7.18 -11.26 -2.85
N THR A 91 -6.18 -12.09 -2.63
CA THR A 91 -5.75 -13.10 -3.64
C THR A 91 -6.96 -13.92 -4.03
N VAL A 92 -7.73 -14.37 -3.05
CA VAL A 92 -8.83 -15.32 -3.31
C VAL A 92 -10.12 -14.59 -3.69
N TYR A 93 -10.53 -13.59 -2.93
CA TYR A 93 -11.86 -12.96 -3.10
C TYR A 93 -11.81 -11.75 -4.05
N LYS A 94 -10.65 -11.19 -4.31
CA LYS A 94 -10.41 -10.21 -5.40
C LYS A 94 -11.27 -8.96 -5.25
N GLY A 95 -11.56 -8.56 -4.03
CA GLY A 95 -12.36 -7.35 -3.80
C GLY A 95 -13.77 -7.67 -3.36
N ALA A 96 -14.29 -8.89 -3.55
CA ALA A 96 -15.66 -9.17 -3.06
C ALA A 96 -15.71 -9.03 -1.52
N GLU A 97 -14.58 -9.30 -0.86
CA GLU A 97 -14.50 -9.20 0.62
C GLU A 97 -14.57 -7.74 1.03
N VAL A 98 -14.02 -6.89 0.15
CA VAL A 98 -14.00 -5.43 0.47
C VAL A 98 -15.44 -4.92 0.39
N ALA A 99 -16.14 -5.21 -0.70
CA ALA A 99 -17.53 -4.75 -0.85
C ALA A 99 -18.37 -5.31 0.29
N HIS A 100 -18.19 -6.58 0.65
CA HIS A 100 -19.05 -7.23 1.63
C HIS A 100 -18.83 -6.59 2.99
N PHE A 101 -17.59 -6.53 3.47
CA PHE A 101 -17.32 -6.10 4.86
C PHE A 101 -17.42 -4.60 4.96
N MET A 102 -17.06 -3.85 3.92
CA MET A 102 -17.32 -2.37 3.98
C MET A 102 -18.83 -2.09 4.01
N ASN A 103 -19.61 -2.89 3.30
CA ASN A 103 -21.11 -2.73 3.32
C ASN A 103 -21.61 -3.07 4.72
N ALA A 104 -21.08 -4.11 5.37
CA ALA A 104 -21.48 -4.49 6.73
C ALA A 104 -21.15 -3.40 7.73
N LEU A 105 -20.03 -2.70 7.58
N LEU A 105 -20.01 -2.72 7.56
CA LEU A 105 -19.67 -1.64 8.53
CA LEU A 105 -19.57 -1.62 8.44
C LEU A 105 -20.38 -0.32 8.16
C LEU A 105 -20.40 -0.36 8.17
N ARG A 106 -21.05 -0.29 7.02
CA ARG A 106 -21.88 0.87 6.56
C ARG A 106 -20.96 2.08 6.40
N TYR A 107 -19.89 1.90 5.67
CA TYR A 107 -19.09 3.06 5.18
C TYR A 107 -20.04 4.01 4.47
N ASP A 108 -19.78 5.31 4.60
CA ASP A 108 -20.57 6.38 3.96
C ASP A 108 -19.95 6.77 2.61
N ALA A 109 -18.63 6.65 2.44
CA ALA A 109 -17.94 6.97 1.15
C ALA A 109 -16.52 6.41 1.18
N MET A 110 -15.97 6.18 -0.01
CA MET A 110 -14.58 5.70 -0.18
C MET A 110 -13.96 6.42 -1.36
N ALA A 111 -12.71 6.80 -1.26
CA ALA A 111 -11.95 7.29 -2.43
C ALA A 111 -11.14 6.14 -3.03
N LEU A 112 -10.97 6.14 -4.35
CA LEU A 112 -10.14 5.15 -5.02
C LEU A 112 -8.69 5.35 -4.66
N GLY A 113 -8.01 4.29 -4.27
CA GLY A 113 -6.56 4.27 -4.12
C GLY A 113 -5.87 3.66 -5.31
N ASN A 114 -4.55 3.71 -5.29
CA ASN A 114 -3.77 3.10 -6.41
C ASN A 114 -4.07 1.61 -6.46
N HIS A 115 -4.04 0.91 -5.33
CA HIS A 115 -4.16 -0.54 -5.38
C HIS A 115 -5.57 -1.00 -5.82
N GLU A 116 -6.59 -0.14 -5.80
CA GLU A 116 -7.87 -0.50 -6.40
C GLU A 116 -7.73 -0.85 -7.90
N PHE A 117 -6.64 -0.48 -8.56
CA PHE A 117 -6.41 -0.84 -9.98
C PHE A 117 -5.49 -2.07 -10.14
N ASP A 118 -5.20 -2.82 -9.07
CA ASP A 118 -4.23 -3.93 -9.20
C ASP A 118 -4.68 -4.99 -10.20
N ASN A 119 -5.98 -5.29 -10.25
CA ASN A 119 -6.58 -6.29 -11.18
C ASN A 119 -7.21 -5.56 -12.38
N GLY A 120 -6.68 -4.42 -12.76
CA GLY A 120 -7.15 -3.62 -13.89
C GLY A 120 -8.47 -3.00 -13.63
N VAL A 121 -8.98 -2.26 -14.59
CA VAL A 121 -10.32 -1.66 -14.48
CA VAL A 121 -10.32 -1.64 -14.42
C VAL A 121 -11.41 -2.70 -14.27
N GLU A 122 -11.30 -3.83 -14.95
CA GLU A 122 -12.32 -4.87 -14.89
C GLU A 122 -12.39 -5.40 -13.47
N GLY A 123 -11.27 -5.49 -12.73
CA GLY A 123 -11.27 -6.01 -11.35
C GLY A 123 -11.63 -4.97 -10.32
N LEU A 124 -11.86 -3.75 -10.75
CA LEU A 124 -12.43 -2.65 -9.93
C LEU A 124 -13.92 -2.55 -10.18
N ILE A 125 -14.35 -2.56 -11.45
CA ILE A 125 -15.78 -2.49 -11.77
C ILE A 125 -16.51 -3.67 -11.12
N GLU A 126 -16.07 -4.91 -11.32
N GLU A 126 -15.94 -4.84 -11.34
CA GLU A 126 -16.94 -6.09 -11.06
CA GLU A 126 -16.52 -6.10 -10.83
C GLU A 126 -17.16 -6.26 -9.56
C GLU A 126 -15.48 -6.73 -9.91
N PRO A 127 -16.11 -6.43 -8.73
N PRO A 127 -15.55 -6.57 -8.55
CA PRO A 127 -16.30 -6.80 -7.35
CA PRO A 127 -16.80 -6.65 -7.81
C PRO A 127 -16.60 -5.58 -6.51
C PRO A 127 -17.11 -5.30 -7.14
N LEU A 128 -16.16 -4.40 -6.95
CA LEU A 128 -16.27 -3.29 -5.98
C LEU A 128 -17.30 -2.27 -6.46
N LEU A 129 -17.13 -1.70 -7.65
CA LEU A 129 -18.00 -0.53 -8.02
C LEU A 129 -19.44 -1.01 -8.19
N LYS A 130 -19.64 -2.23 -8.63
CA LYS A 130 -21.02 -2.75 -8.81
C LYS A 130 -21.63 -3.25 -7.50
N GLU A 131 -20.85 -3.49 -6.45
CA GLU A 131 -21.37 -4.16 -5.25
C GLU A 131 -21.34 -3.26 -4.04
N ALA A 132 -20.63 -2.15 -4.08
CA ALA A 132 -20.57 -1.23 -2.92
C ALA A 132 -21.93 -0.59 -2.73
N LYS A 133 -22.36 -0.42 -1.48
CA LYS A 133 -23.64 0.27 -1.20
C LYS A 133 -23.37 1.72 -0.85
N PHE A 134 -22.16 2.23 -1.05
CA PHE A 134 -21.74 3.60 -0.70
C PHE A 134 -21.03 4.15 -1.92
N PRO A 135 -21.03 5.48 -2.08
CA PRO A 135 -20.39 6.09 -3.23
C PRO A 135 -18.87 5.92 -3.19
N ILE A 136 -18.29 5.71 -4.37
CA ILE A 136 -16.84 5.58 -4.56
C ILE A 136 -16.42 6.75 -5.41
N LEU A 137 -15.38 7.44 -4.96
CA LEU A 137 -15.11 8.80 -5.46
C LEU A 137 -13.69 8.94 -6.01
N SER A 138 -13.56 9.74 -7.05
CA SER A 138 -12.27 10.27 -7.57
C SER A 138 -12.57 11.33 -8.61
N ALA A 139 -12.15 12.53 -8.38
CA ALA A 139 -12.41 13.67 -9.32
C ALA A 139 -11.33 13.79 -10.38
N ASN A 140 -10.23 13.08 -10.29
CA ASN A 140 -9.07 13.33 -11.19
C ASN A 140 -8.81 12.12 -12.09
N ILE A 141 -9.75 11.20 -12.29
CA ILE A 141 -9.58 10.08 -13.22
C ILE A 141 -10.56 10.21 -14.36
N SER A 142 -10.09 10.27 -15.59
CA SER A 142 -11.02 10.31 -16.75
C SER A 142 -10.76 9.14 -17.69
N ALA A 143 -11.78 8.73 -18.47
CA ALA A 143 -11.69 7.60 -19.38
C ALA A 143 -12.07 8.15 -20.76
N SER A 144 -11.68 7.45 -21.81
CA SER A 144 -12.19 7.76 -23.15
C SER A 144 -12.63 6.49 -23.86
N GLY A 145 -13.28 6.66 -25.00
CA GLY A 145 -13.79 5.55 -25.83
C GLY A 145 -14.79 4.68 -25.06
N PRO A 146 -14.96 3.42 -25.50
CA PRO A 146 -15.93 2.52 -24.92
C PRO A 146 -15.80 2.47 -23.38
N LEU A 147 -14.58 2.52 -22.84
CA LEU A 147 -14.43 2.38 -21.36
C LEU A 147 -15.19 3.55 -20.71
N ALA A 148 -15.18 4.76 -21.29
CA ALA A 148 -15.86 5.91 -20.63
C ALA A 148 -17.35 5.61 -20.52
N SER A 149 -17.93 4.96 -21.53
CA SER A 149 -19.34 4.57 -21.47
C SER A 149 -19.54 3.48 -20.46
N GLN A 150 -18.63 2.51 -20.43
N GLN A 150 -18.64 2.49 -20.41
CA GLN A 150 -18.77 1.34 -19.52
CA GLN A 150 -18.82 1.35 -19.48
C GLN A 150 -18.75 1.79 -18.06
C GLN A 150 -18.77 1.81 -18.03
N ILE A 151 -17.92 2.79 -17.71
CA ILE A 151 -17.63 3.14 -16.28
C ILE A 151 -18.44 4.36 -15.81
N SER A 152 -19.17 5.03 -16.71
CA SER A 152 -19.84 6.31 -16.42
C SER A 152 -20.75 6.17 -15.20
N GLY A 153 -20.50 7.00 -14.20
CA GLY A 153 -21.31 7.02 -12.98
C GLY A 153 -20.95 5.94 -11.99
N LEU A 154 -20.06 5.00 -12.29
CA LEU A 154 -19.79 3.91 -11.32
C LEU A 154 -18.81 4.40 -10.27
N TYR A 155 -18.09 5.48 -10.52
CA TYR A 155 -17.37 6.28 -9.53
C TYR A 155 -17.72 7.71 -9.88
N LEU A 156 -17.59 8.62 -8.93
CA LEU A 156 -18.09 10.00 -9.05
C LEU A 156 -16.99 10.95 -8.62
N PRO A 157 -16.94 12.20 -9.12
CA PRO A 157 -16.03 13.19 -8.60
C PRO A 157 -16.28 13.53 -7.14
N TYR A 158 -17.54 13.55 -6.76
CA TYR A 158 -17.99 13.92 -5.41
C TYR A 158 -19.36 13.35 -5.17
N LYS A 159 -19.72 13.33 -3.90
CA LYS A 159 -21.11 13.04 -3.45
C LYS A 159 -21.49 14.03 -2.37
N VAL A 160 -22.72 14.53 -2.45
CA VAL A 160 -23.32 15.36 -1.37
C VAL A 160 -24.14 14.41 -0.50
N LEU A 161 -23.81 14.32 0.78
CA LEU A 161 -24.44 13.32 1.66
C LEU A 161 -25.23 14.06 2.71
N PRO A 162 -26.47 13.64 2.98
CA PRO A 162 -27.19 14.15 4.12
C PRO A 162 -26.56 13.70 5.43
N VAL A 163 -26.41 14.63 6.39
CA VAL A 163 -25.94 14.29 7.75
C VAL A 163 -26.82 15.01 8.77
N GLY A 164 -27.56 14.26 9.59
CA GLY A 164 -28.66 14.88 10.32
C GLY A 164 -29.44 15.80 9.40
N ASP A 165 -29.60 17.09 9.72
CA ASP A 165 -30.40 18.03 8.89
C ASP A 165 -29.50 18.90 8.01
N GLU A 166 -28.25 18.52 7.84
CA GLU A 166 -27.32 19.27 6.97
C GLU A 166 -26.91 18.35 5.82
N VAL A 167 -26.07 18.88 4.97
CA VAL A 167 -25.40 18.10 3.90
C VAL A 167 -23.92 18.43 4.00
N VAL A 168 -23.11 17.46 3.59
CA VAL A 168 -21.63 17.57 3.51
C VAL A 168 -21.25 17.09 2.13
N GLY A 169 -20.51 17.87 1.41
CA GLY A 169 -19.90 17.43 0.14
C GLY A 169 -18.57 16.70 0.36
N ILE A 170 -18.41 15.55 -0.29
CA ILE A 170 -17.17 14.76 -0.24
CA ILE A 170 -17.17 14.73 -0.25
C ILE A 170 -16.61 14.64 -1.65
N VAL A 171 -15.41 15.21 -1.86
N VAL A 171 -15.42 15.21 -1.86
CA VAL A 171 -14.72 15.22 -3.17
CA VAL A 171 -14.75 15.18 -3.19
C VAL A 171 -13.51 14.28 -3.11
C VAL A 171 -13.56 14.24 -3.09
N GLY A 172 -13.38 13.39 -4.10
CA GLY A 172 -12.37 12.36 -4.10
C GLY A 172 -11.18 12.68 -4.96
N TYR A 173 -10.08 12.01 -4.70
CA TYR A 173 -8.85 12.17 -5.57
C TYR A 173 -7.94 10.93 -5.39
N THR A 174 -7.18 10.65 -6.45
CA THR A 174 -6.36 9.43 -6.52
C THR A 174 -4.96 9.80 -7.02
N SER A 175 -3.92 9.19 -6.46
CA SER A 175 -2.52 9.42 -6.88
C SER A 175 -2.40 9.56 -8.40
N LYS A 176 -1.80 10.67 -8.84
CA LYS A 176 -1.43 10.79 -10.28
C LYS A 176 -0.40 9.77 -10.70
N GLU A 177 0.29 9.15 -9.76
CA GLU A 177 1.37 8.16 -9.99
C GLU A 177 0.79 6.74 -10.09
N THR A 178 -0.55 6.60 -10.06
CA THR A 178 -1.20 5.26 -10.13
C THR A 178 -0.67 4.46 -11.34
N PRO A 179 -0.46 5.00 -12.56
CA PRO A 179 0.01 4.15 -13.66
C PRO A 179 1.35 3.45 -13.39
N PHE A 180 2.16 3.98 -12.45
CA PHE A 180 3.49 3.41 -12.11
C PHE A 180 3.35 2.45 -10.94
N LEU A 181 2.19 2.45 -10.27
CA LEU A 181 2.06 1.80 -8.92
C LEU A 181 0.94 0.76 -8.93
N SER A 182 0.33 0.53 -10.09
CA SER A 182 -0.78 -0.41 -10.24
C SER A 182 -1.02 -0.67 -11.72
N ASN A 183 -2.17 -1.25 -12.05
CA ASN A 183 -2.44 -1.75 -13.43
C ASN A 183 -3.71 -1.13 -14.01
N PRO A 184 -3.87 0.23 -14.04
CA PRO A 184 -5.09 0.88 -14.50
C PRO A 184 -5.34 0.76 -16.01
N GLY A 185 -4.32 0.40 -16.79
CA GLY A 185 -4.43 0.23 -18.26
C GLY A 185 -4.09 1.53 -18.96
N THR A 186 -4.26 1.63 -20.28
CA THR A 186 -3.74 2.79 -21.03
C THR A 186 -4.86 3.72 -21.40
N ASN A 187 -6.06 3.45 -20.97
CA ASN A 187 -7.17 4.35 -21.31
C ASN A 187 -7.27 5.46 -20.24
N LEU A 188 -7.30 5.05 -18.98
CA LEU A 188 -7.60 6.00 -17.90
C LEU A 188 -6.47 7.03 -17.82
N VAL A 189 -6.82 8.27 -17.52
CA VAL A 189 -5.84 9.39 -17.38
C VAL A 189 -5.98 9.96 -15.98
N PHE A 190 -4.87 10.05 -15.25
CA PHE A 190 -4.82 10.55 -13.86
C PHE A 190 -4.31 11.97 -13.93
N GLU A 191 -5.19 12.92 -13.67
CA GLU A 191 -4.97 14.37 -13.81
C GLU A 191 -4.35 14.88 -12.52
N ASP A 192 -3.60 15.98 -12.60
CA ASP A 192 -3.10 16.67 -11.41
C ASP A 192 -4.26 16.86 -10.43
N GLU A 193 -4.06 16.44 -9.17
CA GLU A 193 -5.15 16.45 -8.18
C GLU A 193 -5.71 17.86 -8.01
N ILE A 194 -4.86 18.85 -7.77
CA ILE A 194 -5.34 20.23 -7.43
C ILE A 194 -6.14 20.82 -8.60
N THR A 195 -5.66 20.57 -9.81
CA THR A 195 -6.28 21.08 -11.06
C THR A 195 -7.70 20.52 -11.19
N ALA A 196 -7.84 19.20 -10.98
CA ALA A 196 -9.14 18.52 -11.05
C ALA A 196 -10.05 18.92 -9.90
N LEU A 197 -9.52 19.06 -8.68
CA LEU A 197 -10.38 19.32 -7.51
C LEU A 197 -11.00 20.71 -7.53
N GLN A 198 -10.27 21.76 -7.94
CA GLN A 198 -10.78 23.11 -7.66
C GLN A 198 -12.14 23.35 -8.34
N PRO A 199 -12.34 23.01 -9.64
CA PRO A 199 -13.63 23.27 -10.26
C PRO A 199 -14.77 22.50 -9.59
N GLU A 200 -14.51 21.30 -9.05
CA GLU A 200 -15.56 20.50 -8.39
C GLU A 200 -15.93 21.18 -7.07
N VAL A 201 -14.94 21.69 -6.35
CA VAL A 201 -15.20 22.39 -5.07
C VAL A 201 -15.94 23.71 -5.34
N ASP A 202 -15.54 24.40 -6.42
N ASP A 202 -15.58 24.43 -6.41
CA ASP A 202 -16.21 25.62 -6.97
CA ASP A 202 -16.30 25.68 -6.76
C ASP A 202 -17.69 25.30 -7.24
C ASP A 202 -17.72 25.32 -7.25
N LYS A 203 -17.93 24.17 -7.91
CA LYS A 203 -19.29 23.81 -8.31
C LYS A 203 -20.14 23.54 -7.06
N LEU A 204 -19.61 22.84 -6.05
CA LEU A 204 -20.37 22.58 -4.80
C LEU A 204 -20.79 23.91 -4.15
N LYS A 205 -19.90 24.90 -4.10
CA LYS A 205 -20.20 26.25 -3.58
C LYS A 205 -21.41 26.82 -4.33
N THR A 206 -21.48 26.67 -5.66
CA THR A 206 -22.63 27.19 -6.46
C THR A 206 -23.93 26.45 -6.13
N LEU A 207 -23.86 25.24 -5.57
CA LEU A 207 -24.99 24.39 -5.19
C LEU A 207 -25.30 24.53 -3.71
N ASN A 208 -24.72 25.54 -3.07
CA ASN A 208 -25.03 25.86 -1.66
C ASN A 208 -24.53 24.76 -0.69
N VAL A 209 -23.44 24.09 -1.03
CA VAL A 209 -22.83 23.07 -0.13
C VAL A 209 -21.58 23.76 0.43
N ASN A 210 -21.61 24.10 1.70
CA ASN A 210 -20.55 24.94 2.30
C ASN A 210 -19.67 24.15 3.28
N LYS A 211 -19.90 22.84 3.40
CA LYS A 211 -19.08 21.95 4.26
C LYS A 211 -18.51 20.89 3.32
N ILE A 212 -17.20 20.96 3.12
CA ILE A 212 -16.54 20.16 2.06
C ILE A 212 -15.37 19.40 2.66
N ILE A 213 -15.41 18.10 2.46
CA ILE A 213 -14.29 17.18 2.81
C ILE A 213 -13.60 16.70 1.54
N ALA A 214 -12.30 16.86 1.46
CA ALA A 214 -11.52 16.26 0.36
C ALA A 214 -11.04 14.91 0.91
N LEU A 215 -11.41 13.80 0.27
CA LEU A 215 -11.09 12.41 0.70
C LEU A 215 -10.30 11.80 -0.42
N GLY A 216 -9.02 11.47 -0.20
CA GLY A 216 -8.30 10.94 -1.37
C GLY A 216 -7.00 10.30 -1.03
N HIS A 217 -6.32 9.85 -2.07
CA HIS A 217 -5.26 8.84 -1.98
C HIS A 217 -4.00 9.20 -2.74
N SER A 218 -3.30 10.23 -2.29
CA SER A 218 -2.11 10.76 -3.00
C SER A 218 -0.93 10.86 -2.02
N GLY A 219 -1.08 10.67 -0.71
CA GLY A 219 0.03 10.83 0.24
C GLY A 219 -0.04 12.16 1.01
N PHE A 220 0.55 12.15 2.18
CA PHE A 220 0.54 13.28 3.13
C PHE A 220 1.06 14.59 2.50
N GLU A 221 2.14 14.53 1.74
CA GLU A 221 2.66 15.76 1.12
C GLU A 221 1.63 16.38 0.18
N MET A 222 1.00 15.59 -0.68
CA MET A 222 -0.03 16.13 -1.57
C MET A 222 -1.27 16.55 -0.78
N ASP A 223 -1.64 15.80 0.27
CA ASP A 223 -2.77 16.23 1.12
C ASP A 223 -2.55 17.64 1.67
N LYS A 224 -1.34 17.93 2.13
CA LYS A 224 -1.03 19.30 2.65
C LYS A 224 -1.13 20.34 1.53
N LEU A 225 -0.68 19.99 0.35
CA LEU A 225 -0.78 20.94 -0.80
C LEU A 225 -2.22 21.17 -1.17
N ILE A 226 -3.04 20.12 -1.16
CA ILE A 226 -4.47 20.31 -1.41
C ILE A 226 -5.12 21.20 -0.32
N ALA A 227 -4.80 20.99 0.94
CA ALA A 227 -5.33 21.82 2.03
C ALA A 227 -4.95 23.29 1.78
N GLN A 228 -3.71 23.50 1.34
CA GLN A 228 -3.20 24.86 1.14
C GLN A 228 -3.88 25.53 -0.06
N LYS A 229 -4.09 24.82 -1.15
CA LYS A 229 -4.34 25.45 -2.49
C LYS A 229 -5.77 25.30 -2.98
N VAL A 230 -6.52 24.30 -2.53
CA VAL A 230 -7.89 24.09 -3.06
C VAL A 230 -8.82 24.91 -2.19
N ARG A 231 -9.23 26.05 -2.73
CA ARG A 231 -10.06 27.00 -1.97
C ARG A 231 -11.41 26.34 -1.70
N GLY A 232 -11.87 26.38 -0.44
CA GLY A 232 -13.20 25.89 -0.06
C GLY A 232 -13.11 24.55 0.61
N VAL A 233 -11.95 23.86 0.51
CA VAL A 233 -11.82 22.55 1.22
C VAL A 233 -11.74 22.87 2.73
N ASP A 234 -12.56 22.21 3.53
CA ASP A 234 -12.54 22.46 4.99
C ASP A 234 -11.71 21.45 5.76
N VAL A 235 -11.59 20.23 5.26
CA VAL A 235 -10.89 19.08 5.91
CA VAL A 235 -10.79 19.15 5.91
C VAL A 235 -10.28 18.21 4.82
N VAL A 236 -9.09 17.69 4.99
CA VAL A 236 -8.47 16.71 4.06
C VAL A 236 -8.29 15.41 4.84
N VAL A 237 -8.85 14.33 4.30
CA VAL A 237 -8.74 12.96 4.86
C VAL A 237 -7.98 12.15 3.82
N GLY A 238 -6.75 11.76 4.15
CA GLY A 238 -5.88 11.14 3.14
C GLY A 238 -5.36 9.78 3.49
N GLY A 239 -4.40 9.35 2.70
CA GLY A 239 -3.89 7.97 2.70
C GLY A 239 -2.62 7.88 1.85
N HIS A 240 -2.28 6.68 1.53
CA HIS A 240 -1.23 6.29 0.58
C HIS A 240 0.13 6.15 1.22
N SER A 241 0.54 7.17 1.96
CA SER A 241 1.85 7.27 2.66
C SER A 241 1.89 6.59 4.02
N ASN A 242 0.81 5.92 4.42
N ASN A 242 0.81 5.98 4.47
CA ASN A 242 0.70 5.22 5.72
CA ASN A 242 0.77 5.23 5.75
C ASN A 242 1.14 6.17 6.84
C ASN A 242 1.08 6.16 6.91
N THR A 243 0.66 7.40 6.83
CA THR A 243 1.15 8.45 7.73
C THR A 243 0.45 8.29 9.08
N PHE A 244 1.20 8.22 10.17
CA PHE A 244 0.62 8.23 11.52
C PHE A 244 0.78 9.63 12.13
N LEU A 245 -0.31 10.27 12.46
CA LEU A 245 -0.35 11.57 13.14
C LEU A 245 -0.91 11.33 14.53
N TYR A 246 -0.45 12.08 15.52
CA TYR A 246 -0.98 11.87 16.89
C TYR A 246 -0.75 13.15 17.66
N THR A 247 -1.70 13.51 18.49
CA THR A 247 -1.56 14.58 19.51
C THR A 247 -1.43 13.98 20.91
N GLY A 248 -0.21 14.01 21.46
CA GLY A 248 0.08 13.41 22.77
C GLY A 248 1.03 12.28 22.73
N ASN A 249 1.03 11.47 23.81
CA ASN A 249 1.88 10.26 23.82
C ASN A 249 1.31 9.22 22.90
N PRO A 250 2.12 8.66 22.01
CA PRO A 250 1.58 7.65 21.09
C PRO A 250 1.15 6.43 21.89
N PRO A 251 0.09 5.74 21.44
CA PRO A 251 -0.40 4.57 22.14
C PRO A 251 0.28 3.24 21.88
N SER A 252 1.07 3.14 20.81
CA SER A 252 1.70 1.92 20.36
C SER A 252 3.11 2.24 19.86
N LYS A 253 3.61 1.48 18.88
CA LYS A 253 5.02 1.58 18.45
C LYS A 253 5.14 2.62 17.35
N GLU A 254 4.06 3.01 16.67
CA GLU A 254 4.20 3.96 15.55
C GLU A 254 4.58 5.34 16.08
N VAL A 255 5.57 5.92 15.40
CA VAL A 255 6.10 7.25 15.75
C VAL A 255 5.38 8.27 14.90
N PRO A 256 4.74 9.27 15.50
CA PRO A 256 3.99 10.26 14.75
C PRO A 256 4.84 11.12 13.82
N ALA A 257 4.34 11.41 12.64
CA ALA A 257 4.97 12.38 11.70
C ALA A 257 4.59 13.81 12.04
N GLY A 258 3.61 14.07 12.90
CA GLY A 258 3.11 15.39 13.26
C GLY A 258 1.87 15.25 14.14
N LYS A 259 1.27 16.36 14.52
CA LYS A 259 0.05 16.37 15.35
C LYS A 259 -1.15 15.91 14.50
N TYR A 260 -2.14 15.38 15.21
CA TYR A 260 -3.47 15.05 14.67
C TYR A 260 -4.49 16.03 15.22
N PRO A 261 -5.19 16.80 14.35
CA PRO A 261 -4.96 16.90 12.90
C PRO A 261 -3.68 17.71 12.68
N PHE A 262 -3.14 17.65 11.47
CA PHE A 262 -2.04 18.52 11.02
C PHE A 262 -2.64 19.75 10.39
N ILE A 263 -2.38 20.93 10.97
CA ILE A 263 -3.08 22.17 10.54
C ILE A 263 -2.27 22.84 9.43
N VAL A 264 -2.92 23.02 8.31
CA VAL A 264 -2.33 23.75 7.17
C VAL A 264 -2.97 25.13 7.13
N THR A 265 -2.14 26.15 6.92
CA THR A 265 -2.65 27.53 6.69
C THR A 265 -2.90 27.71 5.22
N SER A 266 -4.14 27.85 4.84
CA SER A 266 -4.51 27.87 3.41
C SER A 266 -4.09 29.22 2.77
N ASP A 267 -3.95 29.21 1.46
CA ASP A 267 -3.73 30.48 0.73
C ASP A 267 -4.92 31.44 0.94
N ASP A 268 -6.14 30.95 1.15
CA ASP A 268 -7.31 31.84 1.42
C ASP A 268 -7.28 32.29 2.88
N GLY A 269 -6.25 31.89 3.64
CA GLY A 269 -6.04 32.30 5.04
C GLY A 269 -7.04 31.64 5.99
N ARG A 270 -7.34 30.37 5.84
CA ARG A 270 -8.09 29.57 6.84
C ARG A 270 -7.14 28.52 7.42
N LYS A 271 -7.56 27.89 8.50
CA LYS A 271 -6.81 26.75 9.06
C LYS A 271 -7.51 25.49 8.59
N VAL A 272 -6.80 24.62 7.90
CA VAL A 272 -7.42 23.43 7.31
C VAL A 272 -6.77 22.22 7.95
N PRO A 273 -7.55 21.38 8.66
CA PRO A 273 -6.99 20.17 9.24
C PRO A 273 -6.78 19.09 8.22
N VAL A 274 -5.67 18.40 8.36
CA VAL A 274 -5.29 17.28 7.46
C VAL A 274 -5.13 16.05 8.37
N VAL A 275 -5.79 14.94 8.02
CA VAL A 275 -5.72 13.70 8.83
C VAL A 275 -5.36 12.52 7.94
N GLN A 276 -4.79 11.50 8.60
CA GLN A 276 -4.57 10.17 8.03
C GLN A 276 -4.53 9.24 9.25
N ALA A 277 -4.56 7.95 9.07
CA ALA A 277 -4.64 6.97 10.17
C ALA A 277 -3.81 5.74 9.89
N TYR A 278 -2.52 5.96 9.63
CA TYR A 278 -1.54 4.87 9.49
C TYR A 278 -2.04 3.92 8.43
N ALA A 279 -2.15 2.62 8.70
CA ALA A 279 -2.48 1.62 7.70
C ALA A 279 -2.94 0.35 8.39
N PHE A 280 -3.38 -0.62 7.62
CA PHE A 280 -3.56 -2.01 8.09
C PHE A 280 -4.71 -2.13 9.08
N GLY A 281 -5.59 -1.16 9.17
CA GLY A 281 -6.75 -1.28 10.06
C GLY A 281 -6.36 -1.27 11.53
N LYS A 282 -5.15 -0.86 11.89
CA LYS A 282 -4.72 -0.90 13.31
C LYS A 282 -5.42 0.20 14.11
N TYR A 283 -5.65 1.34 13.48
CA TYR A 283 -6.30 2.52 14.07
C TYR A 283 -7.58 2.91 13.35
N LEU A 284 -8.48 3.50 14.11
CA LEU A 284 -9.63 4.21 13.54
C LEU A 284 -9.34 5.70 13.69
N GLY A 285 -9.20 6.41 12.59
CA GLY A 285 -9.16 7.88 12.70
C GLY A 285 -10.43 8.46 13.29
N TYR A 286 -10.33 9.48 14.10
CA TYR A 286 -11.52 10.10 14.76
C TYR A 286 -11.24 11.60 14.89
N LEU A 287 -11.92 12.41 14.08
CA LEU A 287 -11.78 13.87 14.07
C LEU A 287 -13.16 14.49 14.34
N LYS A 288 -13.27 15.36 15.33
CA LYS A 288 -14.47 16.17 15.60
C LYS A 288 -14.27 17.59 15.06
N ILE A 289 -15.16 18.03 14.20
CA ILE A 289 -15.12 19.38 13.57
CA ILE A 289 -15.08 19.39 13.61
C ILE A 289 -16.33 20.17 14.01
N GLU A 290 -16.13 21.38 14.47
CA GLU A 290 -17.27 22.29 14.73
C GLU A 290 -17.35 23.25 13.57
N PHE A 291 -18.54 23.36 12.95
CA PHE A 291 -18.75 24.33 11.86
C PHE A 291 -19.74 25.41 12.33
N ASP A 292 -19.50 26.61 11.86
CA ASP A 292 -20.51 27.71 11.98
C ASP A 292 -21.53 27.57 10.87
N GLU A 293 -22.50 28.50 10.89
CA GLU A 293 -23.70 28.44 10.02
C GLU A 293 -23.27 28.62 8.56
N ARG A 294 -22.13 29.22 8.30
CA ARG A 294 -21.61 29.40 6.92
C ARG A 294 -20.60 28.34 6.48
N GLY A 295 -20.41 27.27 7.25
CA GLY A 295 -19.57 26.13 6.83
C GLY A 295 -18.10 26.40 7.08
N ASN A 296 -17.79 27.36 7.96
CA ASN A 296 -16.39 27.60 8.38
C ASN A 296 -16.06 26.70 9.56
N VAL A 297 -14.87 26.12 9.54
CA VAL A 297 -14.39 25.30 10.68
C VAL A 297 -14.00 26.26 11.80
N ILE A 298 -14.68 26.17 12.92
CA ILE A 298 -14.40 26.92 14.19
C ILE A 298 -13.35 26.15 14.97
N SER A 299 -13.42 24.82 15.01
CA SER A 299 -12.42 24.06 15.76
C SER A 299 -12.38 22.63 15.20
N SER A 300 -11.26 21.98 15.43
CA SER A 300 -11.06 20.57 15.02
C SER A 300 -10.16 19.92 16.05
N HIS A 301 -10.54 18.74 16.51
CA HIS A 301 -9.69 18.01 17.46
C HIS A 301 -9.97 16.50 17.32
N GLY A 302 -9.02 15.71 17.74
CA GLY A 302 -9.24 14.26 17.80
C GLY A 302 -7.98 13.48 17.96
N ASN A 303 -8.03 12.22 17.56
CA ASN A 303 -6.84 11.36 17.53
C ASN A 303 -7.29 10.02 16.94
N PRO A 304 -6.38 9.31 16.31
CA PRO A 304 -6.70 7.93 15.94
C PRO A 304 -6.80 7.06 17.20
N ILE A 305 -7.74 6.12 17.16
CA ILE A 305 -8.01 5.15 18.24
C ILE A 305 -7.34 3.84 17.91
N LEU A 306 -6.44 3.44 18.78
CA LEU A 306 -5.81 2.13 18.66
C LEU A 306 -6.84 1.04 18.88
N LEU A 307 -6.95 0.18 17.88
CA LEU A 307 -7.91 -0.93 17.94
C LEU A 307 -7.23 -2.15 18.58
N ASP A 308 -7.04 -2.08 19.89
CA ASP A 308 -6.34 -3.16 20.58
C ASP A 308 -7.31 -4.13 21.20
N SER A 309 -6.78 -5.16 21.88
CA SER A 309 -7.61 -6.30 22.35
CA SER A 309 -7.57 -6.31 22.40
C SER A 309 -8.58 -5.87 23.45
N SER A 310 -8.45 -4.68 24.02
CA SER A 310 -9.45 -4.23 25.03
C SER A 310 -10.80 -4.00 24.37
N ILE A 311 -10.84 -3.87 23.03
CA ILE A 311 -12.11 -3.65 22.29
C ILE A 311 -12.55 -4.99 21.76
N PRO A 312 -13.73 -5.56 22.11
CA PRO A 312 -14.05 -6.88 21.61
C PRO A 312 -14.40 -6.89 20.12
N GLU A 313 -14.08 -8.02 19.48
CA GLU A 313 -14.49 -8.31 18.11
C GLU A 313 -16.00 -8.53 18.12
N ASP A 314 -16.72 -7.84 17.24
CA ASP A 314 -18.17 -8.07 17.07
C ASP A 314 -18.39 -9.55 16.78
N PRO A 315 -19.25 -10.27 17.55
CA PRO A 315 -19.36 -11.68 17.32
C PRO A 315 -19.92 -12.07 15.95
N SER A 316 -20.91 -11.32 15.46
CA SER A 316 -21.50 -11.57 14.13
CA SER A 316 -21.49 -11.62 14.13
C SER A 316 -20.50 -11.38 13.00
N ILE A 317 -19.76 -10.29 13.01
CA ILE A 317 -18.76 -10.10 11.95
C ILE A 317 -17.70 -11.19 12.10
N LYS A 318 -17.29 -11.52 13.32
CA LYS A 318 -16.21 -12.51 13.48
C LYS A 318 -16.70 -13.85 12.89
N ALA A 319 -17.94 -14.25 13.19
CA ALA A 319 -18.48 -15.51 12.63
C ALA A 319 -18.50 -15.50 11.09
N ASP A 320 -18.79 -14.35 10.45
CA ASP A 320 -18.81 -14.24 8.97
CA ASP A 320 -18.81 -14.21 8.98
C ASP A 320 -17.37 -14.38 8.47
N ILE A 321 -16.44 -13.69 9.14
CA ILE A 321 -14.98 -13.79 8.84
C ILE A 321 -14.57 -15.27 8.90
N ASN A 322 -14.96 -15.98 9.95
CA ASN A 322 -14.55 -17.42 10.06
C ASN A 322 -15.15 -18.24 8.95
N LYS A 323 -16.38 -17.91 8.53
CA LYS A 323 -17.01 -18.65 7.42
C LYS A 323 -16.20 -18.35 6.14
N TRP A 324 -15.92 -17.10 5.85
CA TRP A 324 -15.19 -16.76 4.60
C TRP A 324 -13.77 -17.35 4.64
N ARG A 325 -13.19 -17.54 5.81
CA ARG A 325 -11.83 -18.11 5.88
C ARG A 325 -11.74 -19.52 5.30
N ILE A 326 -12.83 -20.26 5.28
CA ILE A 326 -12.73 -21.68 4.84
C ILE A 326 -12.13 -21.75 3.44
N LYS A 327 -12.59 -20.92 2.51
CA LYS A 327 -12.07 -20.97 1.13
C LYS A 327 -10.58 -20.56 1.10
N LEU A 328 -10.15 -19.71 2.01
CA LEU A 328 -8.70 -19.30 2.11
C LEU A 328 -7.89 -20.53 2.50
N ASP A 329 -8.33 -21.27 3.51
CA ASP A 329 -7.57 -22.45 3.98
C ASP A 329 -7.52 -23.46 2.84
N ASP A 330 -8.61 -23.61 2.14
CA ASP A 330 -8.69 -24.58 1.00
C ASP A 330 -7.69 -24.11 -0.07
N TYR A 331 -7.69 -22.85 -0.45
CA TYR A 331 -6.81 -22.31 -1.50
C TYR A 331 -5.33 -22.52 -1.11
N SER A 332 -5.00 -22.36 0.16
CA SER A 332 -3.60 -22.28 0.62
CA SER A 332 -3.65 -22.38 0.77
C SER A 332 -2.86 -23.61 0.35
N THR A 333 -3.58 -24.74 0.17
CA THR A 333 -2.86 -26.03 -0.07
C THR A 333 -3.00 -26.48 -1.51
N GLN A 334 -3.54 -25.66 -2.37
CA GLN A 334 -3.69 -26.02 -3.81
C GLN A 334 -2.41 -25.71 -4.57
N GLU A 335 -2.20 -26.44 -5.64
CA GLU A 335 -1.00 -26.19 -6.49
C GLU A 335 -1.10 -24.86 -7.24
N LEU A 336 -0.10 -23.99 -7.13
CA LEU A 336 -0.04 -22.69 -7.87
C LEU A 336 0.66 -22.95 -9.20
N GLY A 337 1.65 -23.84 -9.17
CA GLY A 337 2.54 -24.11 -10.31
C GLY A 337 3.52 -25.20 -9.89
N LYS A 338 4.52 -25.40 -10.70
CA LYS A 338 5.55 -26.40 -10.44
C LYS A 338 6.94 -25.80 -10.54
N THR A 339 7.84 -26.39 -9.78
CA THR A 339 9.29 -26.23 -9.96
C THR A 339 9.92 -27.59 -10.33
N ILE A 340 10.85 -27.56 -11.28
CA ILE A 340 11.66 -28.74 -11.63
C ILE A 340 13.03 -28.61 -10.94
N VAL A 341 13.29 -27.54 -10.16
CA VAL A 341 14.56 -27.36 -9.42
C VAL A 341 14.24 -27.26 -7.95
N TYR A 342 15.18 -27.70 -7.16
CA TYR A 342 15.11 -27.38 -5.72
C TYR A 342 15.20 -25.85 -5.62
N LEU A 343 14.42 -25.27 -4.74
CA LEU A 343 14.39 -23.80 -4.52
C LEU A 343 15.18 -23.56 -3.24
N ASP A 344 16.44 -23.21 -3.41
CA ASP A 344 17.39 -23.10 -2.30
C ASP A 344 17.19 -21.74 -1.63
N GLY A 345 16.38 -21.74 -0.58
CA GLY A 345 16.16 -20.63 0.35
C GLY A 345 16.79 -20.93 1.68
N SER A 346 17.78 -21.81 1.72
CA SER A 346 18.57 -22.08 2.96
C SER A 346 19.40 -20.86 3.33
N SER A 347 19.56 -20.55 4.63
CA SER A 347 20.47 -19.44 5.07
C SER A 347 21.90 -19.70 4.67
N GLN A 348 22.34 -20.97 4.70
CA GLN A 348 23.73 -21.32 4.34
C GLN A 348 24.03 -20.89 2.91
N SER A 349 23.00 -20.85 2.05
CA SER A 349 23.20 -20.31 0.69
C SER A 349 22.92 -18.79 0.69
N CYS A 350 21.70 -18.40 1.03
CA CYS A 350 21.20 -17.05 0.70
C CYS A 350 21.82 -15.95 1.58
N ARG A 351 22.53 -16.29 2.65
CA ARG A 351 23.26 -15.27 3.44
C ARG A 351 24.75 -15.25 3.12
N PHE A 352 25.21 -16.05 2.14
CA PHE A 352 26.62 -16.21 1.78
C PHE A 352 26.87 -16.01 0.29
N ARG A 353 25.91 -16.27 -0.58
CA ARG A 353 26.19 -16.22 -2.04
C ARG A 353 24.86 -16.12 -2.75
N GLU A 354 24.93 -15.92 -4.06
CA GLU A 354 23.73 -15.99 -4.92
C GLU A 354 23.01 -17.30 -4.68
N CYS A 355 21.72 -17.27 -4.44
CA CYS A 355 20.88 -18.45 -4.23
C CYS A 355 19.71 -18.40 -5.19
N ASN A 356 19.31 -19.55 -5.68
CA ASN A 356 18.26 -19.56 -6.73
C ASN A 356 16.89 -19.09 -6.19
N MET A 357 16.59 -19.26 -4.89
CA MET A 357 15.32 -18.76 -4.37
C MET A 357 15.35 -17.24 -4.42
N GLY A 358 16.48 -16.61 -4.12
CA GLY A 358 16.56 -15.15 -4.22
C GLY A 358 16.38 -14.67 -5.66
N ASN A 359 16.95 -15.38 -6.64
CA ASN A 359 16.79 -15.04 -8.05
C ASN A 359 15.33 -15.15 -8.43
N LEU A 360 14.66 -16.18 -7.99
CA LEU A 360 13.22 -16.37 -8.25
C LEU A 360 12.45 -15.18 -7.70
N ILE A 361 12.63 -14.87 -6.44
CA ILE A 361 11.81 -13.80 -5.84
C ILE A 361 12.12 -12.46 -6.52
N CYS A 362 13.38 -12.11 -6.77
CA CYS A 362 13.71 -10.85 -7.47
C CYS A 362 13.09 -10.86 -8.87
N ASP A 363 13.18 -11.96 -9.57
CA ASP A 363 12.54 -12.03 -10.91
C ASP A 363 11.04 -11.78 -10.81
N ALA A 364 10.42 -12.34 -9.80
CA ALA A 364 8.97 -12.18 -9.57
C ALA A 364 8.69 -10.70 -9.23
N MET A 365 9.61 -10.08 -8.49
CA MET A 365 9.43 -8.64 -8.10
C MET A 365 9.49 -7.75 -9.34
N ILE A 366 10.40 -8.01 -10.24
CA ILE A 366 10.50 -7.23 -11.51
CA ILE A 366 10.51 -7.19 -11.48
C ILE A 366 9.30 -7.50 -12.37
N ASN A 367 8.89 -8.76 -12.49
CA ASN A 367 7.70 -9.08 -13.34
C ASN A 367 6.45 -8.34 -12.81
N ASN A 368 6.28 -8.24 -11.50
CA ASN A 368 5.10 -7.63 -10.82
C ASN A 368 5.04 -6.14 -11.23
N ASN A 369 6.21 -5.56 -11.52
CA ASN A 369 6.35 -4.10 -11.77
C ASN A 369 6.47 -3.76 -13.23
N LEU A 370 6.13 -4.67 -14.15
CA LEU A 370 5.96 -4.33 -15.57
C LEU A 370 4.69 -3.51 -15.74
N ARG A 371 4.87 -2.28 -16.15
CA ARG A 371 3.74 -1.32 -16.28
C ARG A 371 3.78 -0.82 -17.72
N HIS A 372 2.79 -0.09 -18.20
CA HIS A 372 2.78 0.32 -19.63
C HIS A 372 3.73 1.48 -19.85
N ALA A 373 4.45 1.42 -20.95
CA ALA A 373 5.69 2.20 -21.18
C ALA A 373 5.50 3.26 -22.30
N ASP A 374 6.17 4.42 -22.13
CA ASP A 374 6.54 5.49 -23.10
C ASP A 374 7.46 4.87 -24.18
N GLU A 375 7.82 5.65 -25.21
CA GLU A 375 8.91 5.31 -26.18
C GLU A 375 10.24 5.49 -25.43
N MET A 376 10.21 5.90 -24.16
CA MET A 376 11.37 6.40 -23.41
C MET A 376 11.96 5.26 -22.57
N PHE A 377 11.28 4.16 -22.34
CA PHE A 377 11.86 3.05 -21.56
C PHE A 377 11.17 1.74 -21.93
N TRP A 378 11.86 0.61 -21.85
CA TRP A 378 11.20 -0.69 -22.06
C TRP A 378 10.33 -0.99 -20.85
N ASN A 379 10.78 -0.59 -19.67
CA ASN A 379 9.96 -0.64 -18.45
C ASN A 379 10.55 0.40 -17.53
N HIS A 380 9.72 0.96 -16.65
CA HIS A 380 10.20 2.04 -15.78
C HIS A 380 11.19 1.55 -14.72
N VAL A 381 11.15 0.27 -14.36
CA VAL A 381 12.02 -0.25 -13.29
C VAL A 381 12.60 -1.60 -13.77
N SER A 382 13.88 -1.82 -13.48
CA SER A 382 14.66 -3.02 -13.95
C SER A 382 15.39 -3.72 -12.83
N MET A 383 15.30 -3.25 -11.57
CA MET A 383 16.31 -3.60 -10.54
C MET A 383 15.60 -4.02 -9.28
N CYS A 384 16.19 -5.00 -8.57
CA CYS A 384 15.64 -5.58 -7.35
C CYS A 384 16.75 -5.87 -6.39
N ILE A 385 16.53 -5.61 -5.11
CA ILE A 385 17.38 -6.16 -4.03
C ILE A 385 16.53 -6.79 -2.95
N LEU A 386 17.07 -7.86 -2.35
CA LEU A 386 16.30 -8.67 -1.35
C LEU A 386 17.30 -9.16 -0.33
N ASN A 387 17.17 -8.76 0.93
CA ASN A 387 18.06 -9.27 1.98
C ASN A 387 17.86 -10.75 2.21
N GLY A 388 18.95 -11.51 2.27
CA GLY A 388 18.88 -12.96 2.56
C GLY A 388 18.21 -13.25 3.86
N GLY A 389 18.28 -12.34 4.84
CA GLY A 389 17.52 -12.42 6.10
C GLY A 389 16.02 -12.54 5.88
N GLY A 390 15.50 -12.13 4.73
CA GLY A 390 14.07 -12.20 4.43
C GLY A 390 13.65 -13.52 3.81
N ILE A 391 14.60 -14.38 3.45
CA ILE A 391 14.29 -15.69 2.83
C ILE A 391 14.39 -16.77 3.92
N ARG A 392 13.28 -17.37 4.30
CA ARG A 392 13.25 -18.08 5.60
C ARG A 392 13.11 -19.58 5.42
N SER A 393 13.00 -20.12 4.19
CA SER A 393 12.83 -21.57 3.95
C SER A 393 13.23 -21.85 2.52
N PRO A 394 13.71 -23.08 2.24
CA PRO A 394 13.72 -23.61 0.87
C PRO A 394 12.36 -24.23 0.56
N ILE A 395 12.19 -24.56 -0.72
CA ILE A 395 11.04 -25.37 -1.18
C ILE A 395 11.59 -26.58 -1.94
N ASP A 396 11.27 -27.76 -1.44
CA ASP A 396 11.69 -29.03 -2.07
C ASP A 396 10.86 -29.29 -3.31
N GLU A 397 11.50 -29.71 -4.41
CA GLU A 397 10.79 -29.98 -5.68
C GLU A 397 10.26 -31.41 -5.75
N ARG A 398 10.51 -32.23 -4.73
CA ARG A 398 10.16 -33.67 -4.83
C ARG A 398 8.73 -33.94 -4.30
N ASN A 399 7.83 -32.95 -4.18
CA ASN A 399 6.37 -33.16 -4.02
C ASN A 399 5.73 -33.05 -5.41
N ASP A 400 6.20 -33.87 -6.36
CA ASP A 400 5.74 -33.78 -7.76
C ASP A 400 5.90 -32.35 -8.32
N GLY A 401 6.87 -31.62 -7.82
CA GLY A 401 7.19 -30.24 -8.24
C GLY A 401 6.22 -29.21 -7.72
N THR A 402 5.14 -29.63 -7.05
CA THR A 402 4.10 -28.72 -6.56
C THR A 402 4.67 -27.63 -5.67
N ILE A 403 4.20 -26.41 -5.88
CA ILE A 403 4.39 -25.27 -4.95
C ILE A 403 3.00 -24.78 -4.56
N THR A 404 2.75 -24.63 -3.26
CA THR A 404 1.48 -24.07 -2.76
C THR A 404 1.73 -22.72 -2.09
N TRP A 405 0.65 -22.04 -1.79
CA TRP A 405 0.71 -20.77 -0.99
C TRP A 405 1.36 -21.05 0.34
N GLU A 406 0.97 -22.14 0.98
CA GLU A 406 1.55 -22.50 2.30
C GLU A 406 3.06 -22.63 2.22
N ASN A 407 3.59 -23.21 1.13
CA ASN A 407 5.05 -23.30 0.95
C ASN A 407 5.64 -21.90 0.88
N LEU A 408 5.05 -21.04 0.08
CA LEU A 408 5.56 -19.65 -0.07
C LEU A 408 5.50 -18.91 1.28
N ALA A 409 4.45 -19.15 2.07
CA ALA A 409 4.36 -18.49 3.38
C ALA A 409 5.47 -18.93 4.32
N ALA A 410 6.07 -20.11 4.08
CA ALA A 410 7.24 -20.53 4.89
C ALA A 410 8.47 -19.72 4.47
N VAL A 411 8.59 -19.43 3.19
CA VAL A 411 9.75 -18.63 2.69
C VAL A 411 9.62 -17.16 3.10
N LEU A 412 8.39 -16.64 3.04
CA LEU A 412 8.09 -15.19 3.20
C LEU A 412 7.01 -15.06 4.27
N PRO A 413 7.43 -15.15 5.56
CA PRO A 413 6.45 -15.29 6.65
C PRO A 413 6.05 -14.00 7.36
N PHE A 414 6.54 -12.85 6.93
CA PHE A 414 6.48 -11.59 7.71
C PHE A 414 5.30 -10.72 7.29
N GLY A 415 4.60 -11.03 6.19
CA GLY A 415 3.43 -10.28 5.72
C GLY A 415 3.79 -8.90 5.21
N GLY A 416 5.00 -8.74 4.69
CA GLY A 416 5.45 -7.46 4.12
C GLY A 416 5.07 -7.29 2.67
N THR A 417 5.56 -6.18 2.12
CA THR A 417 5.31 -5.84 0.73
C THR A 417 6.63 -5.71 -0.01
N PHE A 418 6.55 -5.76 -1.32
CA PHE A 418 7.72 -5.42 -2.18
C PHE A 418 7.44 -4.07 -2.77
N ASP A 419 8.25 -3.06 -2.40
CA ASP A 419 7.96 -1.62 -2.62
C ASP A 419 8.85 -1.05 -3.74
N LEU A 420 8.47 0.07 -4.29
CA LEU A 420 9.27 0.82 -5.28
C LEU A 420 9.92 2.00 -4.58
N VAL A 421 11.24 2.13 -4.72
CA VAL A 421 11.98 3.29 -4.18
C VAL A 421 12.82 3.89 -5.27
N GLN A 422 13.16 5.17 -5.11
CA GLN A 422 14.18 5.82 -5.94
C GLN A 422 15.41 6.07 -5.09
N LEU A 423 16.57 5.58 -5.53
CA LEU A 423 17.85 5.64 -4.78
C LEU A 423 18.88 6.23 -5.70
N LYS A 424 19.70 7.18 -5.19
CA LYS A 424 20.96 7.52 -5.88
C LYS A 424 21.90 6.30 -5.97
N GLY A 425 22.67 6.20 -7.05
CA GLY A 425 23.68 5.14 -7.15
C GLY A 425 24.62 5.15 -5.96
N SER A 426 24.98 6.29 -5.38
CA SER A 426 25.83 6.32 -4.18
C SER A 426 25.18 5.54 -3.03
N THR A 427 23.89 5.70 -2.84
CA THR A 427 23.11 5.02 -1.77
C THR A 427 23.20 3.53 -2.07
N LEU A 428 22.92 3.16 -3.31
CA LEU A 428 22.89 1.70 -3.61
CA LEU A 428 22.95 1.72 -3.69
C LEU A 428 24.31 1.11 -3.44
N LYS A 429 25.35 1.82 -3.82
CA LYS A 429 26.74 1.33 -3.57
C LYS A 429 26.91 1.16 -2.06
N LYS A 430 26.44 2.12 -1.26
CA LYS A 430 26.52 1.95 0.22
C LYS A 430 25.80 0.71 0.67
N ALA A 431 24.61 0.43 0.15
CA ALA A 431 23.84 -0.77 0.47
C ALA A 431 24.66 -2.03 0.13
N PHE A 432 25.30 -2.10 -1.03
CA PHE A 432 26.09 -3.29 -1.38
C PHE A 432 27.33 -3.40 -0.47
N GLU A 433 27.92 -2.30 -0.04
CA GLU A 433 29.02 -2.37 0.97
C GLU A 433 28.47 -2.90 2.28
N HIS A 434 27.29 -2.48 2.68
CA HIS A 434 26.70 -2.97 3.94
C HIS A 434 26.47 -4.47 3.85
N SER A 435 25.97 -4.93 2.69
CA SER A 435 25.67 -6.34 2.35
C SER A 435 26.83 -7.26 2.75
N VAL A 436 28.10 -6.83 2.63
CA VAL A 436 29.25 -7.68 2.95
C VAL A 436 30.14 -7.08 4.05
N HIS A 437 29.71 -6.04 4.74
CA HIS A 437 30.61 -5.34 5.70
C HIS A 437 31.15 -6.31 6.76
N ARG A 438 30.41 -7.34 7.12
CA ARG A 438 30.85 -8.26 8.19
C ARG A 438 30.65 -9.67 7.67
N TYR A 439 30.94 -9.85 6.37
CA TYR A 439 30.69 -11.12 5.66
C TYR A 439 31.27 -12.27 6.46
N GLY A 440 30.54 -13.36 6.52
CA GLY A 440 31.08 -14.60 7.14
C GLY A 440 30.29 -15.04 8.35
N GLN A 441 29.42 -14.20 8.87
CA GLN A 441 28.70 -14.45 10.13
C GLN A 441 27.24 -14.89 9.91
N SER A 442 26.81 -15.12 8.69
CA SER A 442 25.41 -15.58 8.49
C SER A 442 24.42 -14.52 8.93
N THR A 443 24.68 -13.29 8.56
CA THR A 443 23.82 -12.16 8.91
C THR A 443 22.85 -11.92 7.75
N GLY A 444 21.77 -11.25 8.09
CA GLY A 444 20.69 -11.17 7.10
C GLY A 444 20.92 -10.14 6.01
N GLU A 445 21.86 -9.22 6.14
CA GLU A 445 21.90 -8.07 5.20
C GLU A 445 22.44 -8.49 3.82
N PHE A 446 23.03 -9.68 3.67
CA PHE A 446 23.59 -10.12 2.36
C PHE A 446 22.51 -10.07 1.29
N LEU A 447 22.75 -9.37 0.21
CA LEU A 447 21.73 -9.05 -0.80
C LEU A 447 21.67 -10.06 -1.93
N GLN A 448 20.46 -10.55 -2.15
CA GLN A 448 20.05 -11.21 -3.39
C GLN A 448 19.52 -10.15 -4.37
N VAL A 449 19.64 -10.37 -5.68
CA VAL A 449 19.47 -9.28 -6.67
C VAL A 449 18.73 -9.74 -7.93
N GLY A 450 18.24 -8.74 -8.63
CA GLY A 450 17.80 -8.87 -10.01
C GLY A 450 18.10 -7.60 -10.75
N GLY A 451 18.51 -7.72 -12.00
CA GLY A 451 18.86 -6.55 -12.80
C GLY A 451 20.11 -5.83 -12.32
N ILE A 452 20.91 -6.50 -11.49
CA ILE A 452 22.15 -6.01 -10.89
C ILE A 452 23.15 -7.14 -10.93
N HIS A 453 24.37 -6.85 -11.39
CA HIS A 453 25.52 -7.77 -11.29
C HIS A 453 26.54 -7.11 -10.41
N VAL A 454 26.89 -7.78 -9.33
CA VAL A 454 27.87 -7.21 -8.38
C VAL A 454 29.05 -8.19 -8.24
N VAL A 455 30.25 -7.64 -8.11
CA VAL A 455 31.44 -8.44 -7.76
C VAL A 455 32.03 -7.84 -6.50
N TYR A 456 32.29 -8.69 -5.49
CA TYR A 456 32.94 -8.28 -4.25
C TYR A 456 34.38 -8.78 -4.24
N ASP A 457 35.22 -8.03 -3.57
CA ASP A 457 36.58 -8.54 -3.19
C ASP A 457 36.68 -8.43 -1.68
N LEU A 458 36.50 -9.57 -0.99
CA LEU A 458 36.39 -9.63 0.48
C LEU A 458 37.78 -9.38 1.12
N SER A 459 38.86 -9.33 0.34
CA SER A 459 40.24 -9.05 0.87
C SER A 459 40.39 -7.55 1.08
N ARG A 460 39.45 -6.71 0.61
CA ARG A 460 39.48 -5.24 0.83
C ARG A 460 38.90 -4.93 2.21
N LYS A 461 39.10 -3.70 2.71
CA LYS A 461 38.53 -3.19 3.99
C LYS A 461 37.00 -3.18 3.86
N PRO A 462 36.25 -3.46 4.95
CA PRO A 462 34.81 -3.16 5.00
C PRO A 462 34.57 -1.74 4.49
N GLY A 463 33.55 -1.58 3.67
CA GLY A 463 33.25 -0.31 3.05
C GLY A 463 33.86 -0.15 1.71
N ASP A 464 34.79 -1.00 1.29
CA ASP A 464 35.52 -0.79 0.00
C ASP A 464 35.62 -2.13 -0.75
N ARG A 465 34.65 -3.02 -0.55
CA ARG A 465 34.67 -4.40 -1.07
C ARG A 465 33.92 -4.54 -2.40
N VAL A 466 33.16 -3.54 -2.81
CA VAL A 466 32.41 -3.65 -4.09
C VAL A 466 33.36 -3.21 -5.18
N VAL A 467 33.75 -4.13 -6.04
CA VAL A 467 34.74 -3.83 -7.10
C VAL A 467 34.08 -3.75 -8.46
N LYS A 468 32.85 -4.23 -8.60
CA LYS A 468 32.10 -4.01 -9.85
C LYS A 468 30.62 -3.93 -9.50
N LEU A 469 29.88 -3.03 -10.11
CA LEU A 469 28.45 -2.96 -9.85
C LEU A 469 27.78 -2.44 -11.11
N ASP A 470 27.10 -3.32 -11.82
CA ASP A 470 26.51 -2.97 -13.14
C ASP A 470 25.03 -3.16 -13.00
N VAL A 471 24.28 -2.31 -13.68
CA VAL A 471 22.82 -2.31 -13.52
C VAL A 471 22.15 -2.34 -14.89
N LEU A 472 20.97 -2.93 -14.90
CA LEU A 472 20.16 -3.06 -16.13
C LEU A 472 19.51 -1.73 -16.50
N CYS A 473 19.78 -1.25 -17.67
CA CYS A 473 19.16 0.00 -18.13
C CYS A 473 17.64 -0.09 -18.16
N THR A 474 16.98 1.08 -17.99
CA THR A 474 15.55 1.28 -18.27
C THR A 474 15.40 2.10 -19.53
N SER A 475 16.16 3.18 -19.68
CA SER A 475 16.00 4.12 -20.80
C SER A 475 16.75 3.56 -22.01
N CYS A 476 16.20 2.48 -22.56
CA CYS A 476 16.90 1.68 -23.60
C CYS A 476 15.84 0.77 -24.19
N ARG A 477 15.97 0.50 -25.51
CA ARG A 477 15.05 -0.43 -26.19
C ARG A 477 15.55 -1.88 -26.04
N VAL A 478 16.85 -2.07 -25.92
CA VAL A 478 17.40 -3.40 -25.59
C VAL A 478 18.01 -3.33 -24.22
N PRO A 479 17.51 -4.10 -23.25
CA PRO A 479 18.09 -4.06 -21.90
C PRO A 479 19.50 -4.61 -21.91
N SER A 480 20.41 -3.89 -21.30
CA SER A 480 21.80 -4.32 -21.14
C SER A 480 22.32 -3.69 -19.86
N TYR A 481 23.46 -4.15 -19.43
CA TYR A 481 24.09 -3.70 -18.17
C TYR A 481 25.12 -2.62 -18.42
N ASP A 482 25.08 -1.63 -17.53
CA ASP A 482 26.00 -0.51 -17.56
C ASP A 482 26.54 -0.35 -16.14
N PRO A 483 27.73 0.24 -15.99
CA PRO A 483 28.18 0.60 -14.66
C PRO A 483 27.19 1.52 -13.94
N LEU A 484 27.03 1.24 -12.67
CA LEU A 484 26.22 2.14 -11.80
CA LEU A 484 26.28 2.11 -11.71
C LEU A 484 26.93 3.49 -11.74
N LYS A 485 26.15 4.54 -11.80
CA LYS A 485 26.59 5.94 -11.76
C LYS A 485 26.19 6.52 -10.40
N MET A 486 27.11 7.19 -9.71
CA MET A 486 26.87 7.60 -8.30
C MET A 486 25.78 8.65 -8.15
N ASP A 487 25.63 9.55 -9.13
CA ASP A 487 24.67 10.69 -9.06
C ASP A 487 23.34 10.30 -9.68
N GLU A 488 23.25 9.14 -10.38
CA GLU A 488 22.01 8.84 -11.09
C GLU A 488 21.03 8.19 -10.09
N VAL A 489 19.76 8.47 -10.30
CA VAL A 489 18.65 7.99 -9.46
C VAL A 489 18.07 6.76 -10.13
N TYR A 490 18.09 5.65 -9.40
CA TYR A 490 17.58 4.35 -9.92
C TYR A 490 16.29 4.00 -9.20
N LYS A 491 15.34 3.47 -9.95
CA LYS A 491 14.19 2.77 -9.32
C LYS A 491 14.62 1.36 -8.90
N VAL A 492 14.25 0.94 -7.73
CA VAL A 492 14.58 -0.40 -7.19
C VAL A 492 13.34 -0.93 -6.51
N ILE A 493 13.09 -2.21 -6.72
CA ILE A 493 12.05 -2.97 -5.99
CA ILE A 493 12.05 -2.93 -5.96
C ILE A 493 12.76 -3.62 -4.81
N LEU A 494 12.25 -3.47 -3.62
CA LEU A 494 12.85 -4.07 -2.44
C LEU A 494 11.80 -4.22 -1.34
N PRO A 495 12.07 -5.03 -0.32
CA PRO A 495 11.11 -5.24 0.78
C PRO A 495 10.83 -3.90 1.50
N ASN A 496 9.60 -3.77 1.96
CA ASN A 496 9.25 -2.67 2.90
C ASN A 496 10.24 -2.67 4.06
N PHE A 497 10.65 -3.83 4.55
CA PHE A 497 11.54 -3.95 5.68
C PHE A 497 12.83 -3.18 5.41
N LEU A 498 13.40 -3.27 4.17
CA LEU A 498 14.63 -2.51 3.89
C LEU A 498 14.37 -1.02 3.63
N ALA A 499 13.25 -0.65 2.98
CA ALA A 499 12.89 0.77 2.80
C ALA A 499 12.82 1.43 4.19
N ASN A 500 12.54 0.69 5.25
CA ASN A 500 12.41 1.21 6.63
C ASN A 500 13.72 0.99 7.37
N GLY A 501 14.83 0.63 6.69
CA GLY A 501 16.17 0.58 7.36
C GLY A 501 16.40 -0.72 8.11
N GLY A 502 15.57 -1.73 7.89
CA GLY A 502 15.72 -3.06 8.51
C GLY A 502 17.07 -3.70 8.14
N ASP A 503 17.56 -4.64 8.95
CA ASP A 503 18.85 -5.34 8.68
C ASP A 503 20.00 -4.32 8.50
N GLY A 504 19.97 -3.18 9.17
CA GLY A 504 21.04 -2.18 9.20
C GLY A 504 21.08 -1.27 7.98
N PHE A 505 20.13 -1.36 7.04
CA PHE A 505 20.16 -0.53 5.81
C PHE A 505 19.66 0.88 6.09
N GLN A 506 20.28 1.53 7.07
CA GLN A 506 19.86 2.92 7.46
C GLN A 506 20.03 3.90 6.30
N MET A 507 21.00 3.64 5.43
CA MET A 507 21.26 4.52 4.30
C MET A 507 20.06 4.51 3.37
N ILE A 508 19.37 3.40 3.23
CA ILE A 508 18.20 3.37 2.33
C ILE A 508 17.11 4.29 2.93
N LYS A 509 16.76 4.06 4.18
CA LYS A 509 15.71 4.89 4.84
C LYS A 509 16.06 6.37 4.80
N ASP A 510 17.33 6.71 5.05
CA ASP A 510 17.74 8.12 5.25
C ASP A 510 17.90 8.79 3.91
N GLU A 511 18.25 8.06 2.82
CA GLU A 511 18.67 8.72 1.57
C GLU A 511 17.66 8.53 0.44
N LEU A 512 16.66 7.68 0.58
CA LEU A 512 15.74 7.43 -0.58
C LEU A 512 15.02 8.72 -0.95
N LEU A 513 14.79 8.90 -2.22
CA LEU A 513 14.13 10.13 -2.74
CA LEU A 513 14.13 10.11 -2.79
C LEU A 513 12.61 9.91 -2.87
N ARG A 514 12.14 8.68 -3.08
CA ARG A 514 10.70 8.36 -3.21
C ARG A 514 10.52 6.92 -2.71
N HIS A 515 9.35 6.60 -2.16
N HIS A 515 9.40 6.68 -2.07
CA HIS A 515 9.00 5.29 -1.59
CA HIS A 515 8.92 5.37 -1.61
C HIS A 515 7.49 5.13 -1.71
C HIS A 515 7.44 5.28 -1.95
N ASP A 516 7.02 4.15 -2.49
CA ASP A 516 5.60 3.80 -2.58
C ASP A 516 5.42 2.34 -2.22
N SER A 517 4.46 2.04 -1.35
CA SER A 517 4.27 0.62 -0.95
CA SER A 517 4.14 0.65 -0.93
C SER A 517 3.69 -0.20 -2.13
N GLY A 518 4.18 -1.41 -2.25
CA GLY A 518 3.76 -2.31 -3.32
C GLY A 518 2.95 -3.48 -2.84
N ASP A 519 2.97 -4.55 -3.62
CA ASP A 519 2.09 -5.70 -3.38
C ASP A 519 2.61 -6.61 -2.28
N GLN A 520 1.73 -7.41 -1.72
CA GLN A 520 2.12 -8.39 -0.68
C GLN A 520 3.21 -9.29 -1.23
N ASP A 521 4.22 -9.52 -0.41
CA ASP A 521 5.39 -10.37 -0.77
C ASP A 521 4.95 -11.75 -1.30
N ILE A 522 4.21 -12.52 -0.53
CA ILE A 522 3.78 -13.86 -1.03
C ILE A 522 3.01 -13.73 -2.33
N ASN A 523 2.07 -12.79 -2.44
CA ASN A 523 1.22 -12.63 -3.63
C ASN A 523 2.08 -12.33 -4.87
N VAL A 524 3.15 -11.56 -4.74
CA VAL A 524 4.04 -11.28 -5.89
C VAL A 524 4.60 -12.61 -6.40
N VAL A 525 5.07 -13.45 -5.49
CA VAL A 525 5.75 -14.70 -5.95
C VAL A 525 4.72 -15.67 -6.44
N SER A 526 3.58 -15.77 -5.78
CA SER A 526 2.54 -16.74 -6.22
CA SER A 526 2.49 -16.69 -6.19
C SER A 526 2.01 -16.34 -7.60
N THR A 527 1.80 -15.06 -7.89
CA THR A 527 1.34 -14.63 -9.23
C THR A 527 2.35 -15.05 -10.31
N TYR A 528 3.62 -14.78 -10.08
CA TYR A 528 4.66 -15.09 -11.06
C TYR A 528 4.69 -16.61 -11.31
N ILE A 529 4.64 -17.41 -10.27
CA ILE A 529 4.68 -18.91 -10.42
C ILE A 529 3.45 -19.37 -11.18
N SER A 530 2.30 -18.81 -10.84
CA SER A 530 1.06 -19.14 -11.59
C SER A 530 1.23 -18.85 -13.06
N LYS A 531 1.76 -17.67 -13.41
CA LYS A 531 1.90 -17.22 -14.83
C LYS A 531 2.90 -18.12 -15.55
N MET A 532 3.97 -18.47 -14.87
CA MET A 532 5.09 -19.20 -15.50
C MET A 532 4.74 -20.68 -15.64
N LYS A 533 3.99 -21.25 -14.70
CA LYS A 533 3.53 -22.65 -14.70
C LYS A 533 4.63 -23.58 -14.26
N VAL A 534 5.78 -23.47 -14.91
CA VAL A 534 6.90 -24.37 -14.58
C VAL A 534 8.11 -23.45 -14.45
N ILE A 535 8.76 -23.44 -13.28
CA ILE A 535 9.95 -22.58 -13.05
C ILE A 535 11.20 -23.43 -12.85
N TYR A 536 12.34 -22.84 -13.18
CA TYR A 536 13.65 -23.50 -13.09
C TYR A 536 14.75 -22.47 -12.86
N PRO A 537 14.65 -21.62 -11.81
CA PRO A 537 15.66 -20.59 -11.58
C PRO A 537 17.05 -21.17 -11.32
N ALA A 538 18.03 -20.56 -11.92
CA ALA A 538 19.45 -20.96 -11.82
C ALA A 538 20.24 -19.97 -10.97
N VAL A 539 21.39 -20.41 -10.45
CA VAL A 539 22.44 -19.53 -9.96
C VAL A 539 23.32 -19.20 -11.18
N GLU A 540 23.47 -17.93 -11.52
CA GLU A 540 23.94 -17.60 -12.86
C GLU A 540 24.98 -16.51 -12.87
N GLY A 541 25.54 -16.10 -11.74
CA GLY A 541 26.62 -15.11 -11.74
C GLY A 541 26.14 -13.71 -11.49
N ARG A 542 24.93 -13.52 -10.97
CA ARG A 542 24.52 -12.16 -10.57
C ARG A 542 25.44 -11.63 -9.46
N ILE A 543 25.94 -12.50 -8.61
CA ILE A 543 26.83 -12.15 -7.48
C ILE A 543 28.10 -12.99 -7.63
N LYS A 544 29.24 -12.33 -7.73
CA LYS A 544 30.52 -13.04 -7.72
C LYS A 544 31.48 -12.45 -6.69
N PHE A 545 32.48 -13.28 -6.38
CA PHE A 545 33.57 -12.94 -5.45
C PHE A 545 34.87 -13.03 -6.22
N SER A 546 35.75 -12.09 -6.02
CA SER A 546 37.04 -12.11 -6.74
C SER A 546 38.07 -12.69 -5.81
#